data_6EJX
#
_entry.id   6EJX
#
_cell.length_a   61.537
_cell.length_b   72.870
_cell.length_c   164.053
_cell.angle_alpha   90.00
_cell.angle_beta   90.00
_cell.angle_gamma   90.00
#
_symmetry.space_group_name_H-M   'P 21 21 21'
#
loop_
_entity.id
_entity.type
_entity.pdbx_description
1 polymer 'Platelet glycoprotein Ib alpha chain'
2 non-polymer IMIDAZOLE
3 non-polymer DI(HYDROXYETHYL)ETHER
4 non-polymer '2-(N-MORPHOLINO)-ETHANESULFONIC ACID'
5 non-polymer GLYCEROL
6 non-polymer N-PROPANOL
7 water water
#
_entity_poly.entity_id   1
_entity_poly.type   'polypeptide(L)'
_entity_poly.pdbx_seq_one_letter_code
;RSQHTCSISKVTSLLEVNCENKKLTALPADLPADTGILHLGENQLGTFSTASLVHFTHLTYLYLDRCELTSLQTNGKLIK
LENLDLSHNNLKSLPSLGWALPALTTLDVSFNKLGSLSPGVLDGLSQLQELYLQNNDLKSLPPGLLLPTTKLKKLNLANN
KLRELPSGLLDGLEDLDTLYLQRNWLRTIPKGFFGTLLLPFVFLHANSWYCDCEILYFRHWLQENANNVYLWKQGVDVKD
TTPNVASVRCANLDNAPVYSYPGKGCPTTRTGHHHHHH
;
_entity_poly.pdbx_strand_id   D,A
#
loop_
_chem_comp.id
_chem_comp.type
_chem_comp.name
_chem_comp.formula
GOL non-polymer GLYCEROL 'C3 H8 O3'
IMD non-polymer IMIDAZOLE 'C3 H5 N2 1'
MES non-polymer '2-(N-MORPHOLINO)-ETHANESULFONIC ACID' 'C6 H13 N O4 S'
PEG non-polymer DI(HYDROXYETHYL)ETHER 'C4 H10 O3'
POL non-polymer N-PROPANOL 'C3 H8 O'
#
# COMPACT_ATOMS: atom_id res chain seq x y z
N SER A 2 42.21 12.30 14.56
CA SER A 2 42.82 11.42 15.57
C SER A 2 42.98 10.00 15.06
N GLN A 3 43.47 9.10 15.89
CA GLN A 3 44.12 7.92 15.39
CA GLN A 3 44.12 7.92 15.36
C GLN A 3 43.21 6.83 14.78
N HIS A 4 42.01 6.53 15.34
CA HIS A 4 41.20 5.41 14.71
C HIS A 4 40.90 5.68 13.26
N THR A 5 41.13 4.72 12.38
CA THR A 5 40.79 4.89 10.94
C THR A 5 39.33 5.30 10.66
N CYS A 6 38.42 4.71 11.39
CA CYS A 6 37.04 4.98 11.24
C CYS A 6 36.50 6.06 12.16
N SER A 7 35.42 6.63 11.67
CA SER A 7 34.71 7.67 12.34
C SER A 7 33.62 7.04 13.20
N ILE A 8 33.52 7.45 14.46
CA ILE A 8 32.67 6.76 15.39
C ILE A 8 31.75 7.78 16.00
N SER A 9 30.46 7.46 16.07
CA SER A 9 29.45 8.41 16.48
C SER A 9 28.23 7.67 16.94
N LYS A 10 27.22 8.40 17.36
CA LYS A 10 26.02 7.79 17.84
C LYS A 10 24.93 8.80 17.93
N VAL A 11 24.11 8.89 16.88
CA VAL A 11 22.99 9.81 16.84
C VAL A 11 21.68 9.10 17.20
N THR A 12 21.58 7.82 16.82
CA THR A 12 20.37 7.02 17.10
C THR A 12 20.60 6.28 18.40
N SER A 13 19.89 5.20 18.62
CA SER A 13 20.22 4.26 19.70
C SER A 13 21.41 3.29 19.38
N LEU A 14 22.00 3.40 18.20
CA LEU A 14 23.06 2.47 17.79
C LEU A 14 24.39 3.17 17.58
N LEU A 15 25.44 2.60 18.15
CA LEU A 15 26.81 3.08 17.92
C LEU A 15 27.16 2.87 16.45
N GLU A 16 27.58 3.94 15.82
CA GLU A 16 27.74 4.00 14.40
C GLU A 16 29.18 4.21 14.07
N VAL A 17 29.73 3.32 13.24
CA VAL A 17 31.17 3.28 12.92
C VAL A 17 31.29 3.35 11.39
N ASN A 18 31.89 4.43 10.89
CA ASN A 18 32.03 4.69 9.46
C ASN A 18 33.46 4.53 8.97
N CYS A 19 33.69 3.44 8.26
CA CYS A 19 35.03 3.10 7.73
C CYS A 19 35.07 3.24 6.21
N GLU A 20 34.22 4.08 5.65
CA GLU A 20 34.12 4.14 4.21
C GLU A 20 35.36 4.79 3.59
N ASN A 21 35.82 4.26 2.48
CA ASN A 21 36.81 4.96 1.63
C ASN A 21 38.11 5.17 2.37
N LYS A 22 38.59 4.11 2.96
CA LYS A 22 39.78 4.13 3.76
C LYS A 22 40.82 3.15 3.24
N LYS A 23 40.74 2.75 1.98
CA LYS A 23 41.73 1.83 1.38
C LYS A 23 41.91 0.57 2.17
N LEU A 24 40.82 0.05 2.72
CA LEU A 24 40.92 -1.16 3.52
C LEU A 24 40.96 -2.43 2.68
N THR A 25 41.81 -3.32 3.13
CA THR A 25 42.05 -4.61 2.55
C THR A 25 41.46 -5.69 3.39
N ALA A 26 41.11 -5.37 4.63
CA ALA A 26 40.61 -6.34 5.57
C ALA A 26 39.73 -5.59 6.51
N LEU A 27 38.90 -6.33 7.23
CA LEU A 27 38.07 -5.75 8.26
C LEU A 27 39.03 -5.18 9.37
N PRO A 28 38.80 -3.95 9.85
CA PRO A 28 39.54 -3.46 11.05
C PRO A 28 39.59 -4.38 12.22
N ALA A 29 40.75 -4.47 12.88
CA ALA A 29 40.87 -5.32 14.08
C ALA A 29 40.41 -4.66 15.39
N ASP A 30 40.12 -3.37 15.36
CA ASP A 30 39.88 -2.65 16.63
C ASP A 30 38.50 -1.95 16.60
N LEU A 31 37.46 -2.64 16.10
CA LEU A 31 36.16 -2.05 16.01
C LEU A 31 35.57 -2.07 17.43
N PRO A 32 34.78 -1.05 17.76
CA PRO A 32 34.14 -1.04 19.09
C PRO A 32 33.25 -2.28 19.30
N ALA A 33 33.29 -2.89 20.49
CA ALA A 33 32.40 -4.04 20.81
C ALA A 33 30.89 -3.78 20.61
N ASP A 34 30.42 -2.56 20.81
CA ASP A 34 28.97 -2.30 20.71
C ASP A 34 28.57 -1.76 19.34
N THR A 35 29.44 -1.84 18.34
CA THR A 35 29.11 -1.39 17.00
C THR A 35 27.74 -1.91 16.59
N GLY A 36 26.88 -0.98 16.23
CA GLY A 36 25.51 -1.22 15.85
C GLY A 36 25.24 -1.04 14.37
N ILE A 37 25.89 -0.05 13.77
CA ILE A 37 25.82 0.25 12.34
C ILE A 37 27.27 0.32 11.89
N LEU A 38 27.63 -0.50 10.91
CA LEU A 38 28.93 -0.51 10.35
C LEU A 38 28.96 -0.17 8.86
N HIS A 39 29.55 0.98 8.50
CA HIS A 39 29.75 1.38 7.10
C HIS A 39 31.14 0.96 6.62
N LEU A 40 31.23 0.01 5.69
CA LEU A 40 32.54 -0.42 5.17
C LEU A 40 32.66 -0.17 3.66
N GLY A 41 31.78 0.65 3.09
CA GLY A 41 31.79 0.84 1.67
C GLY A 41 32.96 1.62 1.12
N GLU A 42 33.27 1.37 -0.17
CA GLU A 42 34.40 2.02 -0.89
C GLU A 42 35.73 1.61 -0.30
N ASN A 43 35.89 0.32 -0.20
CA ASN A 43 37.08 -0.31 0.23
C ASN A 43 37.37 -1.46 -0.75
N GLN A 44 38.43 -2.23 -0.48
CA GLN A 44 38.90 -3.30 -1.38
C GLN A 44 38.98 -4.56 -0.60
N LEU A 45 37.85 -4.97 -0.04
CA LEU A 45 37.85 -6.14 0.80
C LEU A 45 38.04 -7.41 0.00
N GLY A 46 37.53 -7.52 -1.24
CA GLY A 46 37.64 -8.76 -2.02
C GLY A 46 36.72 -9.90 -1.63
N THR A 47 36.71 -10.27 -0.36
CA THR A 47 35.89 -11.36 0.15
C THR A 47 35.34 -10.95 1.53
N PHE A 48 34.28 -11.61 2.00
CA PHE A 48 33.71 -11.34 3.30
C PHE A 48 33.09 -12.58 3.87
N SER A 49 33.44 -12.88 5.11
CA SER A 49 32.86 -13.99 5.85
CA SER A 49 32.87 -13.99 5.87
C SER A 49 32.17 -13.42 7.08
N THR A 50 30.94 -13.85 7.33
CA THR A 50 30.19 -13.37 8.47
C THR A 50 30.74 -13.82 9.81
N ALA A 51 31.58 -14.84 9.79
CA ALA A 51 32.20 -15.34 11.02
C ALA A 51 33.04 -14.24 11.65
N SER A 52 33.59 -13.33 10.86
CA SER A 52 34.37 -12.24 11.42
C SER A 52 33.58 -11.23 12.27
N LEU A 53 32.25 -11.29 12.33
CA LEU A 53 31.49 -10.28 13.07
C LEU A 53 30.53 -10.88 14.11
N VAL A 54 30.68 -12.18 14.38
CA VAL A 54 29.79 -12.85 15.33
C VAL A 54 29.85 -12.24 16.76
N HIS A 55 30.99 -11.61 17.09
CA HIS A 55 31.18 -11.07 18.46
C HIS A 55 30.78 -9.62 18.66
N PHE A 56 30.21 -8.99 17.64
CA PHE A 56 29.59 -7.70 17.77
C PHE A 56 28.11 -7.93 17.93
N THR A 57 27.69 -8.10 19.17
CA THR A 57 26.36 -8.60 19.44
C THR A 57 25.24 -7.58 19.21
N HIS A 58 25.57 -6.30 19.06
CA HIS A 58 24.59 -5.26 18.71
C HIS A 58 24.48 -4.96 17.18
N LEU A 59 25.21 -5.69 16.33
CA LEU A 59 25.34 -5.26 14.95
C LEU A 59 24.01 -5.47 14.25
N THR A 60 23.43 -4.37 13.78
CA THR A 60 22.14 -4.37 13.16
C THR A 60 22.08 -3.93 11.70
N TYR A 61 22.97 -3.01 11.32
CA TYR A 61 23.12 -2.53 9.95
C TYR A 61 24.56 -2.74 9.50
N LEU A 62 24.75 -3.42 8.36
CA LEU A 62 26.06 -3.74 7.82
C LEU A 62 26.11 -3.42 6.33
N TYR A 63 26.96 -2.47 5.95
CA TYR A 63 27.05 -1.98 4.59
C TYR A 63 28.40 -2.35 3.99
N LEU A 64 28.34 -3.28 3.03
CA LEU A 64 29.51 -3.81 2.32
C LEU A 64 29.49 -3.44 0.87
N ASP A 65 28.85 -2.34 0.58
CA ASP A 65 28.72 -1.83 -0.77
C ASP A 65 30.04 -1.33 -1.33
N ARG A 66 30.25 -1.45 -2.64
CA ARG A 66 31.47 -0.98 -3.27
C ARG A 66 32.70 -1.46 -2.51
N CYS A 67 32.79 -2.77 -2.33
CA CYS A 67 33.89 -3.38 -1.63
C CYS A 67 34.70 -4.35 -2.48
N GLU A 68 34.47 -4.32 -3.79
CA GLU A 68 35.14 -5.28 -4.69
C GLU A 68 34.92 -6.73 -4.38
N LEU A 69 33.78 -7.05 -3.78
CA LEU A 69 33.54 -8.42 -3.33
C LEU A 69 33.37 -9.41 -4.50
N THR A 70 34.08 -10.51 -4.42
CA THR A 70 33.94 -11.59 -5.35
C THR A 70 33.31 -12.79 -4.66
N SER A 71 33.23 -12.83 -3.35
CA SER A 71 32.52 -13.89 -2.71
C SER A 71 32.13 -13.48 -1.30
N LEU A 72 31.17 -14.22 -0.76
CA LEU A 72 30.57 -14.00 0.54
C LEU A 72 30.50 -15.35 1.14
N GLN A 73 30.95 -15.55 2.38
CA GLN A 73 30.67 -16.79 3.16
C GLN A 73 29.73 -16.50 4.30
N THR A 74 28.71 -17.31 4.46
CA THR A 74 27.81 -17.18 5.58
C THR A 74 28.02 -18.22 6.68
N ASN A 75 29.26 -18.27 7.14
CA ASN A 75 29.72 -19.27 8.12
C ASN A 75 29.54 -18.84 9.59
N GLY A 76 29.11 -17.61 9.83
CA GLY A 76 28.88 -17.11 11.17
C GLY A 76 27.50 -16.53 11.27
N LYS A 77 26.84 -16.78 12.38
CA LYS A 77 25.52 -16.28 12.57
C LYS A 77 25.53 -14.87 13.15
N LEU A 78 24.84 -13.94 12.47
CA LEU A 78 24.68 -12.55 12.93
C LEU A 78 23.27 -12.35 13.41
N ILE A 79 23.10 -12.57 14.69
CA ILE A 79 21.80 -12.83 15.29
C ILE A 79 20.86 -11.66 15.13
N LYS A 80 21.37 -10.46 15.28
CA LYS A 80 20.57 -9.25 15.23
C LYS A 80 20.55 -8.48 13.89
N LEU A 81 21.28 -8.91 12.89
CA LEU A 81 21.46 -8.10 11.72
C LEU A 81 20.10 -7.93 11.03
N GLU A 82 19.67 -6.67 10.82
CA GLU A 82 18.45 -6.37 10.04
C GLU A 82 18.62 -5.92 8.59
N ASN A 83 19.73 -5.31 8.32
CA ASN A 83 19.96 -4.66 7.04
C ASN A 83 21.35 -5.03 6.56
N LEU A 84 21.41 -5.65 5.38
CA LEU A 84 22.70 -6.02 4.78
C LEU A 84 22.76 -5.44 3.39
N ASP A 85 23.82 -4.68 3.10
CA ASP A 85 24.00 -4.06 1.79
C ASP A 85 25.25 -4.58 1.07
N LEU A 86 25.03 -5.41 0.04
CA LEU A 86 26.08 -5.98 -0.76
C LEU A 86 26.09 -5.37 -2.16
N SER A 87 25.46 -4.22 -2.34
CA SER A 87 25.31 -3.64 -3.68
C SER A 87 26.65 -3.13 -4.21
N HIS A 88 26.77 -3.11 -5.53
CA HIS A 88 27.94 -2.59 -6.26
C HIS A 88 29.19 -3.36 -5.91
N ASN A 89 29.10 -4.67 -6.13
CA ASN A 89 30.20 -5.60 -5.90
C ASN A 89 30.28 -6.53 -7.16
N ASN A 90 30.96 -7.68 -7.09
CA ASN A 90 31.17 -8.60 -8.22
C ASN A 90 30.75 -9.99 -7.84
N LEU A 91 29.69 -10.13 -7.05
CA LEU A 91 29.23 -11.45 -6.68
C LEU A 91 28.55 -12.10 -7.89
N LYS A 92 28.95 -13.33 -8.10
CA LYS A 92 28.34 -14.16 -9.13
C LYS A 92 27.45 -15.22 -8.54
N SER A 93 27.64 -15.54 -7.26
CA SER A 93 26.70 -16.42 -6.58
C SER A 93 26.48 -15.95 -5.13
N LEU A 94 25.36 -16.40 -4.56
CA LEU A 94 25.11 -16.21 -3.15
C LEU A 94 25.00 -17.50 -2.43
N PRO A 95 25.65 -17.62 -1.25
CA PRO A 95 25.32 -18.75 -0.37
C PRO A 95 23.96 -18.66 0.31
N SER A 96 23.59 -19.73 0.99
CA SER A 96 22.41 -19.71 1.83
C SER A 96 22.57 -18.62 2.91
N LEU A 97 21.50 -17.85 3.11
CA LEU A 97 21.58 -16.68 3.95
C LEU A 97 20.83 -16.80 5.29
N GLY A 98 19.84 -17.67 5.35
CA GLY A 98 18.85 -17.64 6.39
C GLY A 98 19.38 -18.15 7.72
N TRP A 99 20.23 -19.18 7.68
CA TRP A 99 20.84 -19.61 8.98
C TRP A 99 21.66 -18.45 9.60
N ALA A 100 22.54 -17.84 8.80
CA ALA A 100 23.40 -16.73 9.27
C ALA A 100 22.66 -15.44 9.65
N LEU A 101 21.52 -15.15 9.01
CA LEU A 101 20.89 -13.81 9.06
C LEU A 101 19.43 -13.86 9.39
N PRO A 102 19.08 -14.51 10.50
CA PRO A 102 17.67 -14.72 10.86
C PRO A 102 16.78 -13.53 11.01
N ALA A 103 17.33 -12.40 11.42
CA ALA A 103 16.54 -11.21 11.70
C ALA A 103 16.45 -10.27 10.50
N LEU A 104 17.06 -10.66 9.37
CA LEU A 104 17.14 -9.76 8.25
C LEU A 104 15.79 -9.28 7.73
N THR A 105 15.66 -7.96 7.50
CA THR A 105 14.45 -7.34 6.95
CA THR A 105 14.45 -7.34 6.94
C THR A 105 14.72 -6.71 5.56
N THR A 106 15.98 -6.34 5.29
CA THR A 106 16.40 -5.66 4.05
C THR A 106 17.68 -6.26 3.52
N LEU A 107 17.64 -6.77 2.29
CA LEU A 107 18.79 -7.29 1.57
C LEU A 107 18.94 -6.60 0.25
N ASP A 108 20.12 -6.03 0.02
CA ASP A 108 20.43 -5.39 -1.23
C ASP A 108 21.62 -6.09 -1.85
N VAL A 109 21.37 -6.76 -2.97
CA VAL A 109 22.45 -7.35 -3.73
C VAL A 109 22.40 -6.79 -5.16
N SER A 110 21.90 -5.57 -5.31
CA SER A 110 21.85 -4.88 -6.62
C SER A 110 23.23 -4.61 -7.18
N PHE A 111 23.35 -4.43 -8.50
CA PHE A 111 24.63 -4.14 -9.13
C PHE A 111 25.70 -5.11 -8.78
N ASN A 112 25.40 -6.36 -9.04
CA ASN A 112 26.36 -7.43 -8.91
C ASN A 112 26.38 -8.20 -10.23
N LYS A 113 26.79 -9.47 -10.25
CA LYS A 113 26.82 -10.23 -11.49
C LYS A 113 26.18 -11.59 -11.30
N LEU A 114 25.09 -11.58 -10.54
CA LEU A 114 24.44 -12.82 -10.22
C LEU A 114 23.81 -13.35 -11.48
N GLY A 115 24.14 -14.58 -11.82
CA GLY A 115 23.60 -15.25 -13.01
C GLY A 115 22.45 -16.17 -12.66
N SER A 116 22.39 -16.61 -11.39
CA SER A 116 21.23 -17.39 -10.95
C SER A 116 21.08 -17.39 -9.42
N LEU A 117 20.00 -17.95 -8.91
CA LEU A 117 19.80 -18.06 -7.48
C LEU A 117 19.46 -19.50 -7.19
N SER A 118 20.05 -20.04 -6.12
CA SER A 118 19.74 -21.44 -5.67
C SER A 118 18.41 -21.58 -5.02
N PRO A 119 17.82 -22.74 -5.13
CA PRO A 119 16.53 -22.98 -4.53
C PRO A 119 16.24 -22.48 -3.11
N GLY A 120 17.10 -22.71 -2.16
CA GLY A 120 16.71 -22.31 -0.78
C GLY A 120 17.51 -21.16 -0.24
N VAL A 121 18.05 -20.33 -1.13
CA VAL A 121 18.93 -19.23 -0.70
C VAL A 121 18.29 -18.34 0.36
N LEU A 122 16.97 -18.11 0.26
CA LEU A 122 16.22 -17.26 1.22
C LEU A 122 15.50 -18.03 2.33
N ASP A 123 15.68 -19.36 2.38
CA ASP A 123 15.08 -20.18 3.45
C ASP A 123 15.58 -19.70 4.77
N GLY A 124 14.66 -19.42 5.68
CA GLY A 124 14.92 -19.00 7.02
C GLY A 124 14.87 -17.49 7.18
N LEU A 125 14.76 -16.70 6.09
CA LEU A 125 14.69 -15.22 6.16
C LEU A 125 13.22 -14.81 6.32
N SER A 126 12.59 -15.28 7.37
CA SER A 126 11.20 -15.13 7.56
C SER A 126 10.80 -13.70 7.77
N GLN A 127 11.70 -12.84 8.26
CA GLN A 127 11.37 -11.42 8.48
C GLN A 127 11.63 -10.51 7.25
N LEU A 128 12.08 -11.08 6.11
CA LEU A 128 12.46 -10.17 5.00
C LEU A 128 11.29 -9.32 4.49
N GLN A 129 11.53 -8.00 4.44
CA GLN A 129 10.62 -7.03 3.88
C GLN A 129 11.00 -6.43 2.49
N GLU A 130 12.31 -6.36 2.18
CA GLU A 130 12.79 -5.70 0.99
C GLU A 130 13.92 -6.51 0.42
N LEU A 131 13.83 -6.76 -0.86
CA LEU A 131 14.79 -7.54 -1.61
C LEU A 131 15.11 -6.76 -2.89
N TYR A 132 16.35 -6.28 -2.97
CA TYR A 132 16.85 -5.52 -4.16
C TYR A 132 17.80 -6.40 -4.92
N LEU A 133 17.41 -6.79 -6.14
CA LEU A 133 18.27 -7.63 -6.99
C LEU A 133 18.52 -7.03 -8.34
N GLN A 134 18.23 -5.74 -8.48
CA GLN A 134 18.29 -5.12 -9.78
C GLN A 134 19.74 -5.02 -10.28
N ASN A 135 19.92 -5.01 -11.60
CA ASN A 135 21.23 -4.80 -12.21
C ASN A 135 22.17 -5.96 -11.91
N ASN A 136 21.64 -7.15 -12.16
CA ASN A 136 22.41 -8.35 -12.15
C ASN A 136 22.26 -9.02 -13.53
N ASP A 137 22.59 -10.32 -13.65
CA ASP A 137 22.52 -11.08 -14.92
C ASP A 137 21.58 -12.25 -14.81
N LEU A 138 20.54 -12.12 -14.01
CA LEU A 138 19.64 -13.23 -13.79
C LEU A 138 18.82 -13.53 -15.04
N LYS A 139 18.83 -14.81 -15.42
CA LYS A 139 18.12 -15.36 -16.61
C LYS A 139 16.86 -16.07 -16.25
N SER A 140 16.77 -16.56 -15.03
CA SER A 140 15.53 -17.17 -14.56
C SER A 140 15.57 -17.19 -13.07
N LEU A 141 14.47 -17.52 -12.46
CA LEU A 141 14.38 -17.60 -11.01
C LEU A 141 13.86 -18.98 -10.64
N PRO A 142 14.33 -19.51 -9.52
CA PRO A 142 13.89 -20.80 -9.11
C PRO A 142 12.42 -20.87 -8.53
N PRO A 143 11.77 -22.02 -8.67
CA PRO A 143 10.49 -22.24 -8.06
C PRO A 143 10.64 -22.13 -6.55
N GLY A 144 9.67 -21.49 -5.92
CA GLY A 144 9.62 -21.34 -4.44
C GLY A 144 10.55 -20.31 -3.78
N LEU A 145 11.21 -19.48 -4.58
CA LEU A 145 12.24 -18.54 -4.12
C LEU A 145 11.75 -17.73 -2.93
N LEU A 146 10.54 -17.22 -3.04
CA LEU A 146 9.98 -16.27 -2.10
C LEU A 146 9.01 -16.89 -1.08
N LEU A 147 8.84 -18.19 -1.16
CA LEU A 147 8.00 -18.89 -0.17
C LEU A 147 8.46 -18.64 1.31
N PRO A 148 9.80 -18.52 1.58
CA PRO A 148 10.21 -18.21 2.97
C PRO A 148 9.89 -16.82 3.40
N THR A 149 9.64 -15.90 2.45
CA THR A 149 9.52 -14.50 2.75
C THR A 149 8.13 -13.93 2.64
N THR A 150 7.25 -14.32 3.57
CA THR A 150 5.84 -13.99 3.50
C THR A 150 5.53 -12.53 3.70
N LYS A 151 6.40 -11.81 4.39
CA LYS A 151 6.21 -10.42 4.72
C LYS A 151 6.82 -9.49 3.70
N LEU A 152 7.30 -10.03 2.57
CA LEU A 152 7.94 -9.18 1.54
C LEU A 152 7.02 -8.04 1.08
N LYS A 153 7.59 -6.80 1.08
CA LYS A 153 6.89 -5.59 0.75
C LYS A 153 7.40 -4.97 -0.52
N LYS A 154 8.70 -5.12 -0.82
CA LYS A 154 9.32 -4.49 -2.01
C LYS A 154 10.21 -5.55 -2.66
N LEU A 155 10.08 -5.72 -3.95
CA LEU A 155 10.87 -6.66 -4.69
C LEU A 155 11.38 -5.95 -5.96
N ASN A 156 12.71 -5.84 -6.13
CA ASN A 156 13.26 -5.17 -7.32
C ASN A 156 14.09 -6.15 -8.09
N LEU A 157 13.54 -6.53 -9.25
CA LEU A 157 14.19 -7.45 -10.19
C LEU A 157 14.51 -6.77 -11.56
N ALA A 158 14.49 -5.45 -11.56
CA ALA A 158 14.75 -4.68 -12.79
C ALA A 158 16.19 -4.85 -13.33
N ASN A 159 16.34 -4.69 -14.64
CA ASN A 159 17.67 -4.59 -15.23
C ASN A 159 18.42 -5.91 -15.00
N ASN A 160 17.73 -7.00 -15.23
CA ASN A 160 18.32 -8.31 -15.30
C ASN A 160 18.15 -8.88 -16.72
N LYS A 161 18.27 -10.18 -16.93
CA LYS A 161 18.10 -10.78 -18.26
C LYS A 161 17.00 -11.80 -18.26
N LEU A 162 15.95 -11.54 -17.46
CA LEU A 162 14.93 -12.54 -17.24
C LEU A 162 14.12 -12.80 -18.51
N ARG A 163 14.10 -14.06 -18.87
CA ARG A 163 13.41 -14.59 -20.08
C ARG A 163 11.99 -14.98 -19.83
N GLU A 164 11.73 -15.48 -18.64
CA GLU A 164 10.39 -15.84 -18.18
C GLU A 164 10.34 -15.78 -16.65
N LEU A 165 9.12 -15.80 -16.12
CA LEU A 165 8.93 -15.75 -14.67
C LEU A 165 8.25 -17.01 -14.21
N PRO A 166 8.66 -17.53 -13.03
CA PRO A 166 7.90 -18.60 -12.46
C PRO A 166 6.44 -18.21 -12.22
N SER A 167 5.58 -19.08 -12.65
CA SER A 167 4.16 -18.90 -12.45
C SER A 167 3.70 -18.60 -11.04
N GLY A 168 4.36 -19.24 -10.07
CA GLY A 168 4.07 -19.06 -8.65
C GLY A 168 5.02 -18.07 -7.90
N LEU A 169 5.74 -17.24 -8.62
CA LEU A 169 6.73 -16.42 -7.99
C LEU A 169 6.16 -15.60 -6.84
N LEU A 170 5.02 -14.97 -7.04
CA LEU A 170 4.41 -14.07 -6.05
C LEU A 170 3.35 -14.71 -5.15
N ASP A 171 3.13 -16.00 -5.32
CA ASP A 171 2.07 -16.69 -4.59
C ASP A 171 2.14 -16.41 -3.10
N GLY A 172 1.06 -15.84 -2.61
CA GLY A 172 0.91 -15.63 -1.19
C GLY A 172 1.59 -14.43 -0.61
N LEU A 173 2.06 -13.49 -1.45
CA LEU A 173 2.84 -12.39 -0.93
C LEU A 173 1.89 -11.26 -0.73
N GLU A 174 1.11 -11.34 0.33
CA GLU A 174 -0.04 -10.40 0.51
C GLU A 174 0.39 -9.00 0.90
N ASP A 175 1.60 -8.90 1.48
CA ASP A 175 2.16 -7.58 1.84
C ASP A 175 3.01 -6.89 0.74
N LEU A 176 3.16 -7.53 -0.42
CA LEU A 176 3.93 -6.98 -1.49
C LEU A 176 3.19 -5.80 -2.08
N ASP A 177 3.88 -4.67 -2.10
CA ASP A 177 3.28 -3.43 -2.55
C ASP A 177 3.98 -2.84 -3.78
N THR A 178 5.28 -3.13 -3.92
CA THR A 178 6.08 -2.63 -4.99
C THR A 178 6.85 -3.75 -5.74
N LEU A 179 6.76 -3.77 -7.07
CA LEU A 179 7.37 -4.78 -7.90
C LEU A 179 7.98 -4.19 -9.12
N TYR A 180 9.30 -4.30 -9.25
CA TYR A 180 10.01 -3.75 -10.41
C TYR A 180 10.55 -4.86 -11.31
N LEU A 181 10.01 -4.92 -12.53
CA LEU A 181 10.44 -5.92 -13.51
C LEU A 181 10.88 -5.29 -14.84
N GLN A 182 11.02 -3.97 -14.85
CA GLN A 182 11.41 -3.27 -16.07
C GLN A 182 12.82 -3.69 -16.48
N ARG A 183 13.13 -3.57 -17.76
CA ARG A 183 14.48 -3.86 -18.26
C ARG A 183 14.92 -5.32 -18.17
N ASN A 184 14.07 -6.21 -18.67
CA ASN A 184 14.39 -7.64 -18.71
C ASN A 184 14.16 -8.14 -20.13
N TRP A 185 14.12 -9.45 -20.34
CA TRP A 185 13.89 -9.99 -21.69
C TRP A 185 12.56 -10.74 -21.68
N LEU A 186 11.55 -10.18 -21.01
CA LEU A 186 10.32 -10.89 -20.79
C LEU A 186 9.46 -10.75 -22.02
N ARG A 187 8.75 -11.81 -22.38
CA ARG A 187 7.86 -11.81 -23.52
C ARG A 187 6.41 -12.07 -23.16
N THR A 188 6.13 -12.66 -22.00
CA THR A 188 4.78 -12.89 -21.60
C THR A 188 4.73 -13.04 -20.06
N ILE A 189 3.52 -13.09 -19.52
CA ILE A 189 3.26 -13.26 -18.11
C ILE A 189 2.41 -14.51 -18.01
N PRO A 190 2.77 -15.43 -17.11
CA PRO A 190 2.02 -16.67 -17.15
C PRO A 190 0.70 -16.47 -16.52
N LYS A 191 -0.27 -17.25 -16.99
CA LYS A 191 -1.62 -17.18 -16.48
C LYS A 191 -1.61 -17.31 -14.95
N GLY A 192 -2.41 -16.50 -14.29
CA GLY A 192 -2.41 -16.49 -12.81
C GLY A 192 -1.26 -15.84 -12.06
N PHE A 193 -0.34 -15.21 -12.77
CA PHE A 193 0.87 -14.74 -12.11
C PHE A 193 0.60 -13.79 -10.90
N PHE A 194 -0.35 -12.85 -11.10
CA PHE A 194 -0.63 -11.84 -10.07
C PHE A 194 -1.68 -12.30 -9.03
N GLY A 195 -2.31 -13.46 -9.27
CA GLY A 195 -3.36 -13.96 -8.39
C GLY A 195 -4.42 -12.86 -8.10
N THR A 196 -4.87 -12.79 -6.83
CA THR A 196 -5.70 -11.70 -6.34
C THR A 196 -4.90 -10.72 -5.52
N LEU A 197 -3.59 -10.67 -5.73
CA LEU A 197 -2.75 -9.69 -5.07
C LEU A 197 -3.04 -8.30 -5.59
N LEU A 198 -2.99 -7.36 -4.68
CA LEU A 198 -3.10 -6.00 -4.99
C LEU A 198 -1.74 -5.38 -4.75
N LEU A 199 -1.17 -4.86 -5.84
CA LEU A 199 0.16 -4.33 -5.91
C LEU A 199 0.01 -2.94 -6.40
N PRO A 200 0.09 -1.97 -5.49
CA PRO A 200 -0.10 -0.58 -6.00
C PRO A 200 1.01 -0.01 -6.90
N PHE A 201 2.22 -0.58 -6.92
CA PHE A 201 3.29 0.04 -7.74
C PHE A 201 4.02 -1.07 -8.50
N VAL A 202 3.78 -1.15 -9.80
CA VAL A 202 4.29 -2.24 -10.61
C VAL A 202 4.90 -1.58 -11.81
N PHE A 203 6.08 -2.02 -12.18
CA PHE A 203 6.84 -1.46 -13.31
C PHE A 203 7.19 -2.62 -14.23
N LEU A 204 6.72 -2.55 -15.44
CA LEU A 204 6.80 -3.65 -16.41
C LEU A 204 7.35 -3.23 -17.80
N HIS A 205 7.80 -1.99 -17.96
CA HIS A 205 8.22 -1.44 -19.23
C HIS A 205 9.61 -1.92 -19.61
N ALA A 206 10.02 -1.59 -20.83
CA ALA A 206 11.30 -2.00 -21.40
C ALA A 206 11.51 -3.52 -21.33
N ASN A 207 10.53 -4.24 -21.79
CA ASN A 207 10.67 -5.71 -21.94
C ASN A 207 10.51 -5.98 -23.44
N SER A 208 10.07 -7.15 -23.89
CA SER A 208 9.78 -7.33 -25.31
C SER A 208 8.58 -8.20 -25.35
N TRP A 209 7.50 -7.63 -24.80
CA TRP A 209 6.26 -8.37 -24.68
C TRP A 209 5.82 -8.84 -26.10
N TYR A 210 5.45 -10.10 -26.23
CA TYR A 210 4.92 -10.61 -27.46
C TYR A 210 3.37 -10.70 -27.39
N CYS A 211 2.70 -9.89 -28.21
CA CYS A 211 1.26 -9.81 -28.15
C CYS A 211 0.66 -10.85 -29.10
N ASP A 212 0.03 -11.84 -28.49
CA ASP A 212 -0.66 -12.92 -29.13
C ASP A 212 -1.66 -13.45 -28.13
N CYS A 213 -2.23 -14.63 -28.35
CA CYS A 213 -3.34 -15.09 -27.51
C CYS A 213 -2.89 -15.41 -26.11
N GLU A 214 -1.60 -15.67 -25.91
CA GLU A 214 -1.05 -15.92 -24.58
C GLU A 214 -0.76 -14.62 -23.77
N ILE A 215 -0.93 -13.45 -24.34
CA ILE A 215 -0.75 -12.21 -23.61
C ILE A 215 -2.09 -11.70 -23.00
N LEU A 216 -3.16 -12.46 -23.21
CA LEU A 216 -4.46 -11.98 -22.84
C LEU A 216 -4.69 -11.97 -21.33
N TYR A 217 -4.16 -12.95 -20.60
CA TYR A 217 -4.20 -12.87 -19.12
C TYR A 217 -3.62 -11.49 -18.66
N PHE A 218 -2.49 -11.12 -19.23
CA PHE A 218 -1.79 -9.92 -18.87
C PHE A 218 -2.53 -8.69 -19.32
N ARG A 219 -3.08 -8.71 -20.53
CA ARG A 219 -3.83 -7.55 -20.99
C ARG A 219 -4.97 -7.21 -20.02
N HIS A 220 -5.76 -8.20 -19.66
CA HIS A 220 -6.81 -8.04 -18.67
C HIS A 220 -6.33 -7.46 -17.31
N TRP A 221 -5.32 -8.10 -16.74
CA TRP A 221 -4.66 -7.58 -15.54
C TRP A 221 -4.27 -6.10 -15.73
N LEU A 222 -3.67 -5.78 -16.88
CA LEU A 222 -3.22 -4.40 -17.15
C LEU A 222 -4.39 -3.43 -17.15
N GLN A 223 -5.46 -3.80 -17.87
CA GLN A 223 -6.71 -3.00 -17.88
C GLN A 223 -7.23 -2.79 -16.45
N GLU A 224 -7.33 -3.87 -15.71
CA GLU A 224 -7.80 -3.84 -14.37
C GLU A 224 -6.85 -3.11 -13.42
N ASN A 225 -5.56 -2.95 -13.77
CA ASN A 225 -4.59 -2.32 -12.85
C ASN A 225 -3.91 -1.15 -13.50
N ALA A 226 -4.59 -0.44 -14.40
CA ALA A 226 -3.99 0.73 -15.06
C ALA A 226 -3.51 1.75 -14.07
N ASN A 227 -4.25 1.82 -12.95
CA ASN A 227 -3.93 2.78 -11.86
C ASN A 227 -2.64 2.41 -11.05
N ASN A 228 -2.13 1.18 -11.26
CA ASN A 228 -0.99 0.61 -10.47
C ASN A 228 0.29 0.34 -11.30
N VAL A 229 0.33 0.73 -12.60
CA VAL A 229 1.49 0.50 -13.48
C VAL A 229 2.18 1.80 -13.77
N TYR A 230 3.49 1.86 -13.59
CA TYR A 230 4.25 3.09 -13.56
C TYR A 230 5.47 2.96 -14.43
N LEU A 231 5.98 4.12 -14.82
CA LEU A 231 7.21 4.27 -15.54
C LEU A 231 8.29 4.70 -14.60
N TRP A 232 9.39 3.97 -14.57
CA TRP A 232 10.35 4.26 -13.55
C TRP A 232 11.03 5.58 -13.87
N LYS A 233 11.23 6.43 -12.89
CA LYS A 233 11.85 7.72 -13.18
C LYS A 233 12.89 7.98 -12.15
N GLN A 234 14.14 8.05 -12.61
CA GLN A 234 15.28 8.26 -11.79
C GLN A 234 15.15 9.48 -10.89
N GLY A 235 15.45 9.24 -9.62
CA GLY A 235 15.42 10.29 -8.63
C GLY A 235 14.08 10.85 -8.31
N VAL A 236 13.00 10.18 -8.69
CA VAL A 236 11.67 10.67 -8.37
C VAL A 236 10.90 9.54 -7.73
N ASP A 237 10.28 9.84 -6.61
CA ASP A 237 9.57 8.84 -5.85
C ASP A 237 8.29 8.56 -6.59
N VAL A 238 7.98 7.27 -6.74
CA VAL A 238 6.79 6.83 -7.45
C VAL A 238 5.52 7.55 -6.99
N LYS A 239 5.45 7.89 -5.69
CA LYS A 239 4.33 8.66 -5.16
C LYS A 239 4.18 10.03 -5.84
N ASP A 240 5.25 10.61 -6.41
CA ASP A 240 5.17 11.92 -7.16
C ASP A 240 5.07 11.73 -8.68
N THR A 241 4.61 10.56 -9.14
CA THR A 241 4.46 10.27 -10.54
C THR A 241 3.09 9.81 -10.78
N THR A 242 2.68 9.84 -12.05
CA THR A 242 1.36 9.48 -12.48
C THR A 242 1.52 8.07 -13.10
N PRO A 243 0.51 7.22 -12.97
CA PRO A 243 0.44 5.93 -13.62
C PRO A 243 0.47 6.04 -15.14
N ASN A 244 1.00 5.00 -15.76
CA ASN A 244 1.18 4.97 -17.20
C ASN A 244 1.12 3.54 -17.70
N VAL A 245 -0.09 3.05 -17.81
CA VAL A 245 -0.31 1.69 -18.31
C VAL A 245 0.19 1.46 -19.75
N ALA A 246 0.32 2.55 -20.50
CA ALA A 246 0.68 2.56 -21.91
C ALA A 246 2.17 2.33 -22.06
N SER A 247 2.92 2.44 -20.95
CA SER A 247 4.34 2.13 -20.93
C SER A 247 4.62 0.65 -21.24
N VAL A 248 3.61 -0.20 -21.09
CA VAL A 248 3.73 -1.60 -21.44
C VAL A 248 3.35 -1.94 -22.88
N ARG A 249 4.32 -2.29 -23.71
CA ARG A 249 4.15 -2.30 -25.16
C ARG A 249 4.49 -3.62 -25.85
N CYS A 250 3.69 -3.90 -26.89
CA CYS A 250 3.89 -5.08 -27.72
C CYS A 250 5.06 -4.87 -28.68
N ALA A 251 6.19 -5.54 -28.41
CA ALA A 251 7.37 -5.42 -29.29
C ALA A 251 7.15 -5.94 -30.73
N ASN A 252 6.20 -6.85 -30.92
CA ASN A 252 5.93 -7.45 -32.25
C ASN A 252 4.87 -6.67 -33.02
N LEU A 253 4.23 -5.66 -32.39
CA LEU A 253 3.27 -4.81 -33.09
C LEU A 253 3.67 -3.34 -33.07
N ASP A 254 4.93 -3.11 -33.38
CA ASP A 254 5.45 -1.77 -33.47
C ASP A 254 5.23 -0.97 -32.15
N ASN A 255 5.35 -1.67 -31.02
CA ASN A 255 5.22 -1.04 -29.70
C ASN A 255 3.93 -0.39 -29.39
N ALA A 256 2.85 -0.95 -29.93
CA ALA A 256 1.57 -0.48 -29.52
C ALA A 256 1.35 -1.08 -28.10
N PRO A 257 0.59 -0.40 -27.24
CA PRO A 257 0.42 -0.90 -25.91
C PRO A 257 -0.31 -2.20 -25.78
N VAL A 258 0.18 -3.04 -24.87
CA VAL A 258 -0.43 -4.34 -24.58
C VAL A 258 -1.84 -4.14 -24.08
N TYR A 259 -2.11 -3.08 -23.30
CA TYR A 259 -3.47 -2.98 -22.73
C TYR A 259 -4.59 -2.88 -23.80
N SER A 260 -4.27 -2.29 -24.93
CA SER A 260 -5.25 -2.05 -25.97
C SER A 260 -5.12 -3.10 -27.10
N TYR A 261 -4.37 -4.18 -26.89
CA TYR A 261 -4.15 -5.17 -27.93
C TYR A 261 -5.44 -5.90 -28.15
N PRO A 262 -6.03 -5.81 -29.36
CA PRO A 262 -7.34 -6.42 -29.65
C PRO A 262 -7.46 -7.90 -29.46
N GLY A 263 -6.39 -8.66 -29.63
CA GLY A 263 -6.51 -10.13 -29.56
C GLY A 263 -7.37 -10.74 -30.69
N LYS A 264 -7.29 -10.14 -31.88
CA LYS A 264 -8.18 -10.54 -32.98
C LYS A 264 -7.96 -11.97 -33.40
N GLY A 265 -9.04 -12.74 -33.37
CA GLY A 265 -8.99 -14.13 -33.78
C GLY A 265 -8.43 -15.07 -32.73
N CYS A 266 -8.62 -14.73 -31.46
CA CYS A 266 -8.13 -15.58 -30.38
C CYS A 266 -9.33 -16.32 -29.87
N PRO A 267 -9.21 -17.62 -29.61
CA PRO A 267 -10.32 -18.35 -29.01
C PRO A 267 -11.07 -17.58 -27.95
N SER B 2 10.54 26.05 25.19
CA SER B 2 9.97 24.95 24.35
C SER B 2 10.87 23.72 24.32
N GLN B 3 10.49 22.62 25.00
CA GLN B 3 11.27 21.38 24.85
C GLN B 3 10.46 20.15 24.32
N HIS B 4 9.24 19.82 24.77
CA HIS B 4 8.53 18.71 24.09
C HIS B 4 8.44 18.98 22.60
N THR B 5 8.70 17.95 21.81
CA THR B 5 8.55 18.04 20.35
C THR B 5 7.14 18.47 19.98
N CYS B 6 6.16 17.92 20.68
CA CYS B 6 4.81 18.18 20.34
C CYS B 6 4.22 19.32 21.20
N SER B 7 3.24 19.96 20.59
CA SER B 7 2.49 21.00 21.22
C SER B 7 1.38 20.43 22.12
N ILE B 8 1.36 20.80 23.40
CA ILE B 8 0.38 20.25 24.34
C ILE B 8 -0.49 21.38 24.86
N SER B 9 -1.78 21.13 24.91
CA SER B 9 -2.74 22.16 25.20
C SER B 9 -4.00 21.50 25.68
N LYS B 10 -4.97 22.31 26.13
CA LYS B 10 -6.23 21.75 26.64
C LYS B 10 -7.34 22.78 26.70
N VAL B 11 -8.04 22.94 25.58
CA VAL B 11 -9.13 23.89 25.40
C VAL B 11 -10.47 23.22 25.76
N THR B 12 -10.62 21.93 25.48
CA THR B 12 -11.88 21.21 25.78
C THR B 12 -11.71 20.41 27.06
N SER B 13 -12.57 19.43 27.30
CA SER B 13 -12.33 18.53 28.39
C SER B 13 -11.18 17.58 28.13
N LEU B 14 -10.60 17.54 26.92
CA LEU B 14 -9.50 16.60 26.61
C LEU B 14 -8.16 17.26 26.38
N LEU B 15 -7.12 16.65 26.97
CA LEU B 15 -5.73 17.02 26.74
C LEU B 15 -5.32 16.71 25.31
N GLU B 16 -4.78 17.73 24.64
CA GLU B 16 -4.60 17.73 23.24
C GLU B 16 -3.15 17.82 22.94
N VAL B 17 -2.64 16.87 22.17
CA VAL B 17 -1.20 16.75 21.92
C VAL B 17 -1.02 16.78 20.40
N ASN B 18 -0.35 17.80 19.87
CA ASN B 18 -0.22 17.98 18.41
C ASN B 18 1.21 17.73 18.00
N CYS B 19 1.45 16.63 17.33
CA CYS B 19 2.76 16.24 16.87
C CYS B 19 2.86 16.26 15.36
N GLU B 20 2.06 17.08 14.69
CA GLU B 20 2.09 17.17 13.23
C GLU B 20 3.37 17.71 12.69
N ASN B 21 3.80 17.13 11.56
CA ASN B 21 4.89 17.63 10.76
C ASN B 21 6.14 17.79 11.59
N LYS B 22 6.54 16.74 12.29
CA LYS B 22 7.75 16.74 13.13
C LYS B 22 8.80 15.75 12.67
N LYS B 23 8.74 15.31 11.41
CA LYS B 23 9.68 14.32 10.88
C LYS B 23 9.74 13.11 11.76
N LEU B 24 8.63 12.69 12.32
CA LEU B 24 8.62 11.52 13.14
C LEU B 24 8.61 10.27 12.29
N THR B 25 9.36 9.30 12.75
CA THR B 25 9.55 7.99 12.13
C THR B 25 8.90 6.96 13.00
N ALA B 26 8.47 7.38 14.18
CA ALA B 26 7.90 6.47 15.14
C ALA B 26 7.11 7.29 16.11
N LEU B 27 6.26 6.62 16.85
CA LEU B 27 5.49 7.29 17.86
C LEU B 27 6.44 7.89 18.95
N PRO B 28 6.19 9.15 19.42
CA PRO B 28 7.01 9.61 20.59
C PRO B 28 6.93 8.72 21.82
N ALA B 29 8.05 8.65 22.54
CA ALA B 29 8.10 7.87 23.80
C ALA B 29 7.64 8.65 25.02
N ASP B 30 7.30 9.93 24.91
CA ASP B 30 6.99 10.72 26.13
C ASP B 30 5.66 11.48 25.94
N LEU B 31 4.68 10.78 25.41
CA LEU B 31 3.34 11.32 25.30
C LEU B 31 2.74 11.36 26.70
N PRO B 32 1.99 12.42 27.00
CA PRO B 32 1.40 12.51 28.31
C PRO B 32 0.40 11.44 28.53
N ALA B 33 0.40 10.90 29.74
CA ALA B 33 -0.48 9.78 30.08
C ALA B 33 -1.95 10.02 29.78
N ASP B 34 -2.41 11.23 30.03
N ASP B 34 -2.36 11.25 30.00
CA ASP B 34 -3.85 11.52 29.88
CA ASP B 34 -3.76 11.63 29.88
C ASP B 34 -4.21 12.10 28.47
C ASP B 34 -4.19 12.09 28.46
N THR B 35 -3.33 11.90 27.48
CA THR B 35 -3.62 12.29 26.09
C THR B 35 -5.04 11.86 25.63
N GLY B 36 -5.84 12.84 25.26
CA GLY B 36 -7.21 12.62 24.79
C GLY B 36 -7.35 12.79 23.29
N ILE B 37 -6.62 13.77 22.77
CA ILE B 37 -6.59 14.05 21.34
C ILE B 37 -5.13 14.05 20.90
N LEU B 38 -4.81 13.22 19.91
CA LEU B 38 -3.47 13.03 19.43
C LEU B 38 -3.43 13.27 17.91
N HIS B 39 -2.72 14.33 17.50
CA HIS B 39 -2.52 14.63 16.10
C HIS B 39 -1.13 14.14 15.72
N LEU B 40 -1.04 13.08 14.91
CA LEU B 40 0.22 12.56 14.34
C LEU B 40 0.42 12.81 12.84
N GLY B 41 -0.43 13.62 12.22
CA GLY B 41 -0.36 13.78 10.79
C GLY B 41 0.96 14.32 10.27
N GLU B 42 1.22 14.07 8.98
CA GLU B 42 2.42 14.56 8.27
C GLU B 42 3.69 14.15 8.94
N ASN B 43 3.78 12.88 9.18
CA ASN B 43 4.96 12.26 9.64
C ASN B 43 5.22 11.08 8.72
N GLN B 44 6.26 10.31 9.02
CA GLN B 44 6.73 9.22 8.16
C GLN B 44 6.74 7.92 8.97
N LEU B 45 5.57 7.46 9.36
CA LEU B 45 5.45 6.39 10.30
C LEU B 45 5.53 5.05 9.65
N GLY B 46 5.00 4.89 8.44
CA GLY B 46 5.07 3.61 7.72
C GLY B 46 4.15 2.47 8.10
N THR B 47 4.12 2.19 9.39
CA THR B 47 3.18 1.29 9.96
C THR B 47 2.62 1.83 11.29
N PHE B 48 1.55 1.22 11.79
CA PHE B 48 1.02 1.59 13.09
C PHE B 48 0.27 0.40 13.68
N SER B 49 0.44 0.18 14.98
CA SER B 49 -0.24 -0.87 15.76
C SER B 49 -1.01 -0.24 16.92
N THR B 50 -2.29 -0.55 17.04
CA THR B 50 -3.04 -0.01 18.14
C THR B 50 -2.47 -0.44 19.50
N ALA B 51 -1.67 -1.53 19.52
CA ALA B 51 -1.04 -1.96 20.75
C ALA B 51 -0.15 -0.87 21.34
N SER B 52 0.34 0.03 20.50
CA SER B 52 1.17 1.15 20.98
C SER B 52 0.47 2.12 21.92
N LEU B 53 -0.85 2.12 21.93
CA LEU B 53 -1.58 3.18 22.60
C LEU B 53 -2.57 2.69 23.61
N VAL B 54 -2.47 1.41 23.97
CA VAL B 54 -3.42 0.84 24.95
C VAL B 54 -3.36 1.45 26.33
N HIS B 55 -2.22 2.00 26.70
CA HIS B 55 -2.01 2.54 28.05
C HIS B 55 -2.39 4.02 28.11
N PHE B 56 -2.85 4.62 27.01
CA PHE B 56 -3.44 5.97 27.08
C PHE B 56 -4.94 5.84 27.21
N THR B 57 -5.38 5.78 28.45
CA THR B 57 -6.74 5.33 28.73
C THR B 57 -7.79 6.40 28.43
N HIS B 58 -7.38 7.67 28.28
CA HIS B 58 -8.32 8.74 27.85
C HIS B 58 -8.34 8.99 26.33
N LEU B 59 -7.61 8.22 25.52
CA LEU B 59 -7.43 8.55 24.14
C LEU B 59 -8.77 8.41 23.39
N THR B 60 -9.22 9.50 22.80
CA THR B 60 -10.57 9.59 22.21
C THR B 60 -10.58 9.95 20.73
N TYR B 61 -9.69 10.87 20.33
CA TYR B 61 -9.46 11.23 18.92
C TYR B 61 -8.02 10.91 18.53
N LEU B 62 -7.83 10.16 17.45
CA LEU B 62 -6.48 9.80 16.98
C LEU B 62 -6.37 10.07 15.49
N TYR B 63 -5.45 10.96 15.15
CA TYR B 63 -5.24 11.39 13.73
C TYR B 63 -3.88 10.91 13.18
N LEU B 64 -3.98 9.97 12.23
CA LEU B 64 -2.86 9.30 11.62
C LEU B 64 -2.84 9.56 10.10
N ASP B 65 -3.33 10.74 9.71
CA ASP B 65 -3.40 11.17 8.36
C ASP B 65 -2.03 11.55 7.82
N ARG B 66 -1.81 11.34 6.55
CA ARG B 66 -0.58 11.77 5.90
CA ARG B 66 -0.57 11.74 5.87
C ARG B 66 0.64 11.20 6.63
N CYS B 67 0.58 9.92 6.96
CA CYS B 67 1.67 9.27 7.75
C CYS B 67 2.47 8.20 6.98
N GLU B 68 2.21 8.09 5.66
CA GLU B 68 2.86 7.12 4.78
C GLU B 68 2.59 5.71 5.22
N LEU B 69 1.41 5.49 5.82
CA LEU B 69 1.05 4.15 6.28
C LEU B 69 0.82 3.21 5.12
N THR B 70 1.42 2.05 5.23
CA THR B 70 1.21 0.93 4.36
C THR B 70 0.59 -0.21 5.08
N SER B 71 0.52 -0.21 6.40
CA SER B 71 -0.29 -1.23 7.08
C SER B 71 -0.80 -0.69 8.45
N LEU B 72 -1.87 -1.27 8.90
CA LEU B 72 -2.44 -0.98 10.21
C LEU B 72 -2.63 -2.32 10.87
N GLN B 73 -2.18 -2.47 12.10
CA GLN B 73 -2.44 -3.67 12.90
C GLN B 73 -3.34 -3.34 14.10
N THR B 74 -4.36 -4.13 14.35
CA THR B 74 -5.37 -3.85 15.38
C THR B 74 -5.27 -4.89 16.50
N ASN B 75 -4.05 -5.03 16.97
CA ASN B 75 -3.65 -6.02 17.94
C ASN B 75 -3.87 -5.50 19.38
N GLY B 76 -4.10 -4.19 19.58
CA GLY B 76 -4.46 -3.65 20.91
C GLY B 76 -5.80 -2.97 20.94
N LYS B 77 -6.50 -3.09 22.06
CA LYS B 77 -7.82 -2.52 22.21
C LYS B 77 -7.78 -1.07 22.70
N LEU B 78 -8.32 -0.17 21.89
CA LEU B 78 -8.43 1.24 22.29
C LEU B 78 -9.83 1.57 22.79
N ILE B 79 -10.03 1.40 24.09
CA ILE B 79 -11.39 1.26 24.64
C ILE B 79 -12.29 2.46 24.39
N LYS B 80 -11.74 3.65 24.49
CA LYS B 80 -12.51 4.89 24.39
C LYS B 80 -12.36 5.62 23.08
N LEU B 81 -11.59 5.12 22.13
CA LEU B 81 -11.41 5.86 20.86
C LEU B 81 -12.73 6.03 20.12
N GLU B 82 -13.06 7.27 19.83
CA GLU B 82 -14.25 7.60 19.04
C GLU B 82 -13.96 8.00 17.61
N ASN B 83 -12.79 8.55 17.34
CA ASN B 83 -12.55 9.13 16.02
C ASN B 83 -11.18 8.69 15.54
N LEU B 84 -11.14 8.01 14.39
CA LEU B 84 -9.85 7.52 13.81
C LEU B 84 -9.75 8.07 12.40
N ASP B 85 -8.67 8.79 12.10
CA ASP B 85 -8.45 9.38 10.79
C ASP B 85 -7.20 8.84 10.08
N LEU B 86 -7.40 7.82 9.26
CA LEU B 86 -6.33 7.18 8.47
C LEU B 86 -6.18 7.71 7.05
N SER B 87 -6.76 8.84 6.77
CA SER B 87 -6.80 9.40 5.44
C SER B 87 -5.43 9.79 4.92
N HIS B 88 -5.33 9.80 3.59
CA HIS B 88 -4.13 10.14 2.87
C HIS B 88 -2.94 9.31 3.29
N ASN B 89 -3.07 8.00 3.15
CA ASN B 89 -1.98 7.04 3.41
C ASN B 89 -1.99 6.05 2.27
N ASN B 90 -1.26 4.96 2.42
CA ASN B 90 -1.22 3.90 1.38
C ASN B 90 -1.72 2.57 1.82
N LEU B 91 -2.80 2.59 2.57
CA LEU B 91 -3.39 1.34 3.05
C LEU B 91 -4.04 0.63 1.89
N LYS B 92 -3.69 -0.63 1.69
CA LYS B 92 -4.29 -1.38 0.58
C LYS B 92 -5.29 -2.41 1.11
N SER B 93 -5.27 -2.64 2.41
CA SER B 93 -6.38 -3.36 2.99
C SER B 93 -6.66 -2.82 4.39
N LEU B 94 -7.81 -3.19 4.91
CA LEU B 94 -8.18 -2.88 6.30
C LEU B 94 -8.35 -4.15 7.11
N PRO B 95 -7.68 -4.25 8.28
CA PRO B 95 -7.99 -5.39 9.15
C PRO B 95 -9.32 -5.17 9.86
N SER B 96 -9.83 -6.24 10.47
CA SER B 96 -11.01 -6.11 11.26
C SER B 96 -10.70 -5.08 12.35
N LEU B 97 -11.65 -4.20 12.55
CA LEU B 97 -11.46 -3.06 13.44
C LEU B 97 -12.27 -3.07 14.75
N GLY B 98 -13.31 -3.86 14.80
CA GLY B 98 -14.34 -3.68 15.80
C GLY B 98 -13.95 -4.21 17.18
N TRP B 99 -13.21 -5.30 17.24
CA TRP B 99 -12.62 -5.68 18.50
C TRP B 99 -11.73 -4.57 19.07
N ALA B 100 -10.85 -4.03 18.25
CA ALA B 100 -9.94 -2.99 18.73
C ALA B 100 -10.59 -1.64 19.09
N LEU B 101 -11.70 -1.27 18.43
CA LEU B 101 -12.23 0.08 18.46
C LEU B 101 -13.73 0.10 18.75
N PRO B 102 -14.15 -0.51 19.88
CA PRO B 102 -15.54 -0.72 20.15
C PRO B 102 -16.33 0.55 20.22
N ALA B 103 -15.70 1.61 20.68
CA ALA B 103 -16.42 2.88 20.83
C ALA B 103 -16.36 3.79 19.57
N LEU B 104 -15.80 3.30 18.46
CA LEU B 104 -15.63 4.22 17.33
C LEU B 104 -16.92 4.76 16.81
N THR B 105 -16.99 6.08 16.62
CA THR B 105 -18.11 6.75 15.93
C THR B 105 -17.78 7.32 14.53
N THR B 106 -16.49 7.59 14.24
CA THR B 106 -16.05 8.18 13.00
C THR B 106 -14.85 7.49 12.49
N LEU B 107 -14.92 6.94 11.29
CA LEU B 107 -13.79 6.25 10.66
C LEU B 107 -13.50 6.91 9.30
N ASP B 108 -12.28 7.40 9.13
CA ASP B 108 -11.88 8.01 7.87
C ASP B 108 -10.69 7.26 7.25
N VAL B 109 -10.97 6.59 6.12
CA VAL B 109 -9.95 5.86 5.36
C VAL B 109 -9.91 6.37 3.94
N SER B 110 -10.33 7.62 3.74
CA SER B 110 -10.34 8.24 2.43
C SER B 110 -8.95 8.44 1.93
N PHE B 111 -8.79 8.56 0.60
CA PHE B 111 -7.46 8.78 -0.03
C PHE B 111 -6.43 7.75 0.37
N ASN B 112 -6.78 6.49 0.16
CA ASN B 112 -5.90 5.39 0.44
C ASN B 112 -5.75 4.58 -0.87
N LYS B 113 -5.34 3.31 -0.77
CA LYS B 113 -5.26 2.44 -1.91
C LYS B 113 -6.16 1.19 -1.73
N LEU B 114 -7.31 1.35 -1.09
CA LEU B 114 -8.17 0.21 -0.84
C LEU B 114 -8.75 -0.31 -2.13
N GLY B 115 -8.52 -1.61 -2.40
CA GLY B 115 -9.09 -2.29 -3.51
C GLY B 115 -10.22 -3.21 -3.23
N SER B 116 -10.40 -3.59 -1.99
CA SER B 116 -11.57 -4.32 -1.60
C SER B 116 -11.80 -4.19 -0.12
N LEU B 117 -12.98 -4.62 0.31
CA LEU B 117 -13.29 -4.68 1.72
C LEU B 117 -13.72 -6.07 2.11
N SER B 118 -13.22 -6.56 3.24
CA SER B 118 -13.51 -7.93 3.68
C SER B 118 -14.89 -8.03 4.27
N PRO B 119 -15.54 -9.16 4.08
CA PRO B 119 -16.65 -9.44 4.95
C PRO B 119 -16.13 -9.51 6.41
N GLY B 120 -16.83 -8.81 7.26
CA GLY B 120 -16.51 -8.79 8.71
C GLY B 120 -15.79 -7.51 9.11
N VAL B 121 -15.37 -6.69 8.14
CA VAL B 121 -14.42 -5.65 8.49
C VAL B 121 -14.93 -4.65 9.51
N LEU B 122 -16.23 -4.35 9.49
CA LEU B 122 -16.84 -3.47 10.47
C LEU B 122 -17.52 -4.17 11.66
N ASP B 123 -17.45 -5.51 11.71
CA ASP B 123 -18.13 -6.28 12.78
C ASP B 123 -17.70 -5.69 14.09
N GLY B 124 -18.65 -5.42 14.99
CA GLY B 124 -18.31 -4.87 16.28
C GLY B 124 -18.28 -3.37 16.41
N LEU B 125 -18.32 -2.63 15.28
CA LEU B 125 -18.31 -1.19 15.38
C LEU B 125 -19.76 -0.70 15.47
N SER B 126 -20.45 -1.08 16.55
CA SER B 126 -21.87 -0.87 16.65
C SER B 126 -22.23 0.65 16.80
N GLN B 127 -21.30 1.46 17.25
CA GLN B 127 -21.56 2.90 17.46
C GLN B 127 -21.18 3.75 16.25
N LEU B 128 -20.72 3.13 15.15
CA LEU B 128 -20.22 3.95 14.02
C LEU B 128 -21.31 4.81 13.44
N GLN B 129 -21.01 6.10 13.31
CA GLN B 129 -21.90 7.06 12.68
C GLN B 129 -21.46 7.64 11.33
N GLU B 130 -20.16 7.70 11.09
CA GLU B 130 -19.58 8.34 9.88
C GLU B 130 -18.51 7.41 9.34
N LEU B 131 -18.58 7.09 8.04
CA LEU B 131 -17.67 6.20 7.39
C LEU B 131 -17.26 6.88 6.08
N TYR B 132 -15.97 7.22 5.96
CA TYR B 132 -15.41 7.95 4.85
C TYR B 132 -14.46 7.04 4.12
N LEU B 133 -14.87 6.65 2.90
CA LEU B 133 -14.05 5.78 2.06
C LEU B 133 -13.77 6.33 0.68
N GLN B 134 -14.05 7.59 0.48
CA GLN B 134 -13.89 8.22 -0.81
C GLN B 134 -12.40 8.25 -1.24
N ASN B 135 -12.17 8.26 -2.55
CA ASN B 135 -10.80 8.32 -3.14
C ASN B 135 -9.99 7.05 -2.82
N ASN B 136 -10.61 5.88 -3.09
CA ASN B 136 -9.95 4.60 -3.02
C ASN B 136 -10.16 3.92 -4.37
N ASP B 137 -9.95 2.61 -4.46
CA ASP B 137 -10.10 1.92 -5.71
C ASP B 137 -11.13 0.78 -5.61
N LEU B 138 -12.17 0.98 -4.83
CA LEU B 138 -13.15 -0.09 -4.59
C LEU B 138 -13.93 -0.32 -5.87
N LYS B 139 -14.02 -1.59 -6.28
CA LYS B 139 -14.78 -1.99 -7.46
C LYS B 139 -16.13 -2.69 -7.13
N SER B 140 -16.17 -3.27 -5.94
CA SER B 140 -17.41 -3.74 -5.35
C SER B 140 -17.36 -3.67 -3.82
N LEU B 141 -18.46 -4.01 -3.21
CA LEU B 141 -18.59 -4.00 -1.78
C LEU B 141 -19.20 -5.36 -1.38
N PRO B 142 -18.81 -5.91 -0.25
CA PRO B 142 -19.33 -7.20 0.19
C PRO B 142 -20.75 -7.14 0.71
N PRO B 143 -21.54 -8.23 0.54
CA PRO B 143 -22.84 -8.31 1.23
C PRO B 143 -22.68 -8.15 2.73
N GLY B 144 -23.65 -7.51 3.37
CA GLY B 144 -23.60 -7.31 4.79
C GLY B 144 -22.60 -6.33 5.35
N LEU B 145 -21.95 -5.55 4.49
CA LEU B 145 -20.90 -4.64 4.96
C LEU B 145 -21.32 -3.77 6.14
N LEU B 146 -22.51 -3.18 6.02
CA LEU B 146 -22.99 -2.18 6.97
C LEU B 146 -23.98 -2.73 7.99
N LEU B 147 -24.19 -4.03 7.98
CA LEU B 147 -25.03 -4.65 8.97
C LEU B 147 -24.61 -4.35 10.43
N PRO B 148 -23.32 -4.36 10.72
CA PRO B 148 -22.91 -3.99 12.08
C PRO B 148 -23.12 -2.56 12.53
N THR B 149 -23.33 -1.64 11.60
CA THR B 149 -23.35 -0.26 11.89
C THR B 149 -24.74 0.30 11.75
N THR B 150 -25.67 -0.10 12.65
CA THR B 150 -27.07 0.36 12.53
C THR B 150 -27.31 1.87 12.69
N LYS B 151 -26.38 2.56 13.35
CA LYS B 151 -26.52 4.02 13.66
C LYS B 151 -25.83 4.92 12.61
N LEU B 152 -25.34 4.33 11.52
CA LEU B 152 -24.63 5.12 10.50
C LEU B 152 -25.50 6.26 9.99
N LYS B 153 -24.95 7.46 9.97
CA LYS B 153 -25.55 8.69 9.44
C LYS B 153 -24.91 9.19 8.11
N LYS B 154 -23.60 8.96 7.91
CA LYS B 154 -22.91 9.48 6.74
C LYS B 154 -22.08 8.41 6.16
N LEU B 155 -22.18 8.24 4.84
CA LEU B 155 -21.41 7.26 4.16
C LEU B 155 -20.89 7.87 2.88
N ASN B 156 -19.57 7.97 2.78
CA ASN B 156 -18.91 8.51 1.59
C ASN B 156 -18.17 7.47 0.85
N LEU B 157 -18.74 7.10 -0.30
CA LEU B 157 -18.13 6.14 -1.23
C LEU B 157 -17.74 6.76 -2.55
N ALA B 158 -17.65 8.10 -2.59
CA ALA B 158 -17.36 8.82 -3.84
C ALA B 158 -15.96 8.50 -4.36
N ASN B 159 -15.73 8.77 -5.64
CA ASN B 159 -14.38 8.72 -6.18
C ASN B 159 -13.75 7.32 -5.99
N ASN B 160 -14.53 6.29 -6.25
CA ASN B 160 -14.00 4.92 -6.25
C ASN B 160 -14.15 4.36 -7.65
N LYS B 161 -14.23 3.02 -7.86
CA LYS B 161 -14.39 2.43 -9.20
C LYS B 161 -15.52 1.43 -9.17
N LEU B 162 -16.57 1.82 -8.42
CA LEU B 162 -17.67 0.90 -8.11
C LEU B 162 -18.45 0.63 -9.37
N ARG B 163 -18.57 -0.65 -9.70
CA ARG B 163 -19.25 -1.10 -10.92
C ARG B 163 -20.69 -1.45 -10.69
N GLU B 164 -20.97 -1.92 -9.49
CA GLU B 164 -22.36 -2.17 -9.08
C GLU B 164 -22.41 -2.07 -7.58
N LEU B 165 -23.61 -2.01 -7.03
CA LEU B 165 -23.79 -1.90 -5.57
C LEU B 165 -24.56 -3.11 -5.06
N PRO B 166 -24.26 -3.60 -3.86
CA PRO B 166 -25.09 -4.71 -3.36
C PRO B 166 -26.53 -4.20 -3.21
N SER B 167 -27.52 -4.96 -3.66
CA SER B 167 -28.91 -4.46 -3.48
C SER B 167 -29.36 -4.19 -2.08
N GLY B 168 -28.79 -4.91 -1.12
CA GLY B 168 -29.06 -4.71 0.30
C GLY B 168 -28.16 -3.75 1.08
N LEU B 169 -27.32 -3.00 0.40
CA LEU B 169 -26.29 -2.19 1.05
C LEU B 169 -26.77 -1.34 2.19
N LEU B 170 -27.86 -0.60 1.92
CA LEU B 170 -28.43 0.36 2.86
C LEU B 170 -29.55 -0.16 3.77
N ASP B 171 -29.93 -1.42 3.60
CA ASP B 171 -31.03 -2.02 4.35
C ASP B 171 -30.97 -1.83 5.87
N GLY B 172 -32.00 -1.19 6.42
CA GLY B 172 -32.06 -1.02 7.85
C GLY B 172 -31.33 0.21 8.37
N LEU B 173 -30.74 1.05 7.49
CA LEU B 173 -29.97 2.18 7.98
C LEU B 173 -30.90 3.40 8.18
N GLU B 174 -31.68 3.30 9.25
CA GLU B 174 -32.73 4.28 9.53
C GLU B 174 -32.24 5.67 9.97
N ASP B 175 -30.96 5.80 10.32
CA ASP B 175 -30.38 7.07 10.65
C ASP B 175 -29.50 7.63 9.54
N LEU B 176 -29.34 6.91 8.44
CA LEU B 176 -28.53 7.42 7.34
C LEU B 176 -29.13 8.68 6.84
N ASP B 177 -28.33 9.75 6.78
CA ASP B 177 -28.77 10.99 6.15
C ASP B 177 -28.01 11.51 4.94
N THR B 178 -26.76 11.09 4.75
CA THR B 178 -25.97 11.53 3.62
C THR B 178 -25.24 10.35 3.00
N LEU B 179 -25.37 10.24 1.69
CA LEU B 179 -24.82 9.14 0.91
C LEU B 179 -24.14 9.76 -0.28
N TYR B 180 -22.83 9.56 -0.36
CA TYR B 180 -22.01 9.99 -1.49
C TYR B 180 -21.58 8.81 -2.36
N LEU B 181 -22.04 8.81 -3.60
CA LEU B 181 -21.72 7.81 -4.64
C LEU B 181 -21.25 8.39 -5.97
N GLN B 182 -20.97 9.73 -6.00
CA GLN B 182 -20.64 10.37 -7.23
C GLN B 182 -19.24 9.85 -7.65
N ARG B 183 -18.91 9.96 -8.94
CA ARG B 183 -17.61 9.55 -9.50
C ARG B 183 -17.20 8.09 -9.26
N ASN B 184 -18.07 7.19 -9.66
CA ASN B 184 -17.82 5.77 -9.66
C ASN B 184 -18.07 5.28 -11.07
N TRP B 185 -18.22 3.98 -11.26
CA TRP B 185 -18.39 3.41 -12.60
C TRP B 185 -19.74 2.76 -12.66
N LEU B 186 -20.73 3.34 -11.98
CA LEU B 186 -22.00 2.64 -11.85
C LEU B 186 -22.85 2.83 -13.09
N ARG B 187 -23.64 1.81 -13.41
CA ARG B 187 -24.50 1.84 -14.57
C ARG B 187 -25.99 1.72 -14.22
N THR B 188 -26.35 1.13 -13.05
CA THR B 188 -27.71 0.95 -12.68
C THR B 188 -27.83 0.86 -11.18
N ILE B 189 -29.06 0.97 -10.69
CA ILE B 189 -29.37 0.81 -9.29
C ILE B 189 -30.29 -0.38 -9.18
N PRO B 190 -29.96 -1.30 -8.28
CA PRO B 190 -30.85 -2.47 -8.15
C PRO B 190 -32.26 -2.11 -7.66
N LYS B 191 -33.25 -2.87 -8.10
CA LYS B 191 -34.61 -2.63 -7.62
C LYS B 191 -34.57 -2.67 -6.08
N GLY B 192 -35.38 -1.81 -5.46
CA GLY B 192 -35.45 -1.59 -4.05
C GLY B 192 -34.27 -1.09 -3.27
N PHE B 193 -33.22 -0.61 -3.94
CA PHE B 193 -31.97 -0.23 -3.26
C PHE B 193 -32.14 0.77 -2.11
N PHE B 194 -33.03 1.71 -2.28
CA PHE B 194 -33.24 2.77 -1.31
C PHE B 194 -34.30 2.39 -0.28
N GLY B 195 -35.02 1.30 -0.55
CA GLY B 195 -36.15 0.84 0.30
C GLY B 195 -37.07 1.99 0.66
N THR B 196 -37.47 2.06 1.92
CA THR B 196 -38.34 3.14 2.45
C THR B 196 -37.51 4.26 3.14
N LEU B 197 -36.19 4.33 2.89
CA LEU B 197 -35.34 5.25 3.58
C LEU B 197 -35.61 6.66 3.08
N LEU B 198 -35.53 7.61 4.01
CA LEU B 198 -35.63 9.04 3.66
C LEU B 198 -34.23 9.64 3.80
N LEU B 199 -33.58 9.87 2.69
CA LEU B 199 -32.15 10.26 2.70
C LEU B 199 -32.14 11.71 2.25
N PRO B 200 -31.88 12.67 3.13
CA PRO B 200 -31.94 14.07 2.64
C PRO B 200 -30.84 14.51 1.70
N PHE B 201 -29.66 13.85 1.77
CA PHE B 201 -28.56 14.23 0.86
C PHE B 201 -27.99 13.04 0.17
N VAL B 202 -28.24 12.97 -1.14
CA VAL B 202 -27.70 11.89 -1.93
C VAL B 202 -27.01 12.48 -3.15
N PHE B 203 -25.79 12.00 -3.44
CA PHE B 203 -25.00 12.47 -4.58
C PHE B 203 -24.77 11.25 -5.48
N LEU B 204 -25.26 11.36 -6.71
CA LEU B 204 -25.16 10.28 -7.66
C LEU B 204 -24.56 10.60 -9.02
N HIS B 205 -24.05 11.82 -9.17
CA HIS B 205 -23.63 12.29 -10.44
C HIS B 205 -22.28 11.69 -10.79
N ALA B 206 -21.85 11.94 -12.01
CA ALA B 206 -20.52 11.49 -12.56
C ALA B 206 -20.42 9.98 -12.45
N ASN B 207 -21.46 9.30 -12.87
CA ASN B 207 -21.41 7.86 -13.06
C ASN B 207 -21.56 7.55 -14.60
N SER B 208 -21.96 6.36 -14.99
CA SER B 208 -22.25 6.12 -16.39
C SER B 208 -23.64 5.53 -16.46
N TRP B 209 -24.64 6.17 -15.91
CA TRP B 209 -25.93 5.51 -15.84
C TRP B 209 -26.36 5.05 -17.25
N TYR B 210 -26.81 3.81 -17.33
CA TYR B 210 -27.31 3.25 -18.61
C TYR B 210 -28.83 3.20 -18.53
N CYS B 211 -29.50 4.03 -19.34
CA CYS B 211 -30.94 4.16 -19.31
C CYS B 211 -31.57 3.14 -20.25
N ASP B 212 -32.37 2.27 -19.65
CA ASP B 212 -33.13 1.23 -20.34
C ASP B 212 -34.27 0.83 -19.40
N CYS B 213 -34.91 -0.29 -19.66
CA CYS B 213 -35.94 -0.67 -18.71
C CYS B 213 -35.48 -0.99 -17.31
N GLU B 214 -34.23 -1.35 -17.12
CA GLU B 214 -33.75 -1.65 -15.77
C GLU B 214 -33.43 -0.40 -14.94
N ILE B 215 -33.58 0.83 -15.49
CA ILE B 215 -33.32 2.07 -14.76
C ILE B 215 -34.61 2.64 -14.18
N LEU B 216 -35.76 1.97 -14.42
CA LEU B 216 -37.05 2.55 -14.08
C LEU B 216 -37.33 2.64 -12.58
N TYR B 217 -36.72 1.77 -11.78
CA TYR B 217 -36.90 1.84 -10.35
C TYR B 217 -36.17 3.14 -9.92
N PHE B 218 -34.96 3.32 -10.44
CA PHE B 218 -34.17 4.53 -10.13
C PHE B 218 -34.83 5.80 -10.59
N ARG B 219 -35.40 5.77 -11.80
CA ARG B 219 -36.16 6.91 -12.33
C ARG B 219 -37.22 7.37 -11.39
N HIS B 220 -38.02 6.41 -10.91
CA HIS B 220 -39.08 6.76 -9.99
C HIS B 220 -38.56 7.32 -8.67
N TRP B 221 -37.48 6.73 -8.17
CA TRP B 221 -36.91 7.19 -6.90
C TRP B 221 -36.43 8.64 -7.09
N LEU B 222 -35.80 8.91 -8.23
CA LEU B 222 -35.31 10.30 -8.49
C LEU B 222 -36.43 11.26 -8.52
N GLN B 223 -37.52 10.87 -9.15
CA GLN B 223 -38.72 11.74 -9.27
C GLN B 223 -39.26 12.09 -7.91
N GLU B 224 -39.32 11.10 -7.03
CA GLU B 224 -39.83 11.30 -5.73
C GLU B 224 -38.83 11.94 -4.80
N ASN B 225 -37.55 11.86 -5.12
CA ASN B 225 -36.55 12.39 -4.21
C ASN B 225 -35.79 13.60 -4.79
N ALA B 226 -36.43 14.33 -5.71
CA ALA B 226 -35.76 15.40 -6.47
C ALA B 226 -35.12 16.45 -5.57
N ASN B 227 -35.73 16.73 -4.44
CA ASN B 227 -35.21 17.66 -3.52
C ASN B 227 -34.21 17.11 -2.54
N ASN B 228 -33.76 15.86 -2.75
CA ASN B 228 -32.74 15.21 -1.96
C ASN B 228 -31.49 14.78 -2.73
N VAL B 229 -31.41 15.14 -4.01
CA VAL B 229 -30.34 14.76 -4.88
C VAL B 229 -29.53 16.01 -5.18
N TYR B 230 -28.21 15.92 -5.00
CA TYR B 230 -27.32 17.06 -5.04
C TYR B 230 -26.04 16.88 -5.85
N LEU B 231 -25.49 18.02 -6.27
CA LEU B 231 -24.26 18.03 -7.06
C LEU B 231 -23.22 18.50 -6.10
N TRP B 232 -22.14 17.72 -5.94
CA TRP B 232 -21.14 17.98 -4.94
C TRP B 232 -20.39 19.25 -5.37
N LYS B 233 -20.24 20.19 -4.48
CA LYS B 233 -19.49 21.42 -4.78
C LYS B 233 -18.49 21.71 -3.73
N GLN B 234 -17.24 21.81 -4.16
CA GLN B 234 -16.12 22.07 -3.28
C GLN B 234 -16.39 23.42 -2.56
N GLY B 235 -16.12 23.44 -1.27
CA GLY B 235 -16.20 24.62 -0.45
C GLY B 235 -17.61 25.11 -0.13
N VAL B 236 -18.64 24.33 -0.44
CA VAL B 236 -19.97 24.78 -0.13
C VAL B 236 -20.55 23.77 0.84
N ASP B 237 -20.77 24.25 2.05
CA ASP B 237 -21.63 23.62 3.08
C ASP B 237 -23.08 23.33 2.69
N VAL B 238 -23.65 22.43 3.49
CA VAL B 238 -25.01 21.96 3.27
C VAL B 238 -26.04 23.07 3.48
N LYS B 239 -25.79 24.03 4.38
CA LYS B 239 -26.71 25.18 4.44
C LYS B 239 -26.95 25.92 3.07
N ASP B 240 -25.91 25.98 2.21
CA ASP B 240 -25.95 26.79 0.96
C ASP B 240 -26.04 25.98 -0.29
N THR B 241 -26.40 24.73 -0.19
CA THR B 241 -26.58 23.84 -1.33
C THR B 241 -28.05 23.79 -1.87
N THR B 242 -28.29 23.65 -3.18
CA THR B 242 -29.60 23.54 -3.76
C THR B 242 -29.65 22.18 -4.47
N PRO B 243 -30.78 21.47 -4.35
CA PRO B 243 -30.89 20.14 -4.96
C PRO B 243 -30.84 20.23 -6.45
N ASN B 244 -30.28 19.23 -7.09
CA ASN B 244 -30.25 19.21 -8.53
C ASN B 244 -30.38 17.79 -9.05
N VAL B 245 -31.61 17.41 -9.29
CA VAL B 245 -31.95 16.04 -9.73
C VAL B 245 -31.46 15.78 -11.15
N ALA B 246 -31.26 16.86 -11.91
CA ALA B 246 -30.84 16.74 -13.33
C ALA B 246 -29.37 16.41 -13.42
N SER B 247 -28.65 16.42 -12.29
CA SER B 247 -27.29 16.02 -12.28
C SER B 247 -27.07 14.53 -12.60
N VAL B 248 -28.11 13.71 -12.50
CA VAL B 248 -27.99 12.26 -12.69
C VAL B 248 -28.42 11.97 -14.12
N ARG B 249 -27.49 11.54 -14.96
CA ARG B 249 -27.70 11.56 -16.42
C ARG B 249 -27.44 10.22 -17.12
N CYS B 250 -28.22 9.97 -18.17
CA CYS B 250 -28.07 8.81 -19.03
C CYS B 250 -26.85 8.93 -19.95
N ALA B 251 -25.77 8.25 -19.57
CA ALA B 251 -24.58 8.19 -20.42
C ALA B 251 -24.86 7.64 -21.82
N ASN B 252 -25.88 6.78 -22.01
CA ASN B 252 -26.15 6.21 -23.34
C ASN B 252 -27.07 7.08 -24.23
N LEU B 253 -27.69 8.14 -23.67
CA LEU B 253 -28.67 8.97 -24.38
C LEU B 253 -28.25 10.42 -24.31
N ASP B 254 -27.00 10.64 -24.67
CA ASP B 254 -26.43 12.00 -24.70
C ASP B 254 -26.55 12.78 -23.37
N ASN B 255 -26.46 12.08 -22.26
CA ASN B 255 -26.59 12.68 -20.96
C ASN B 255 -27.86 13.39 -20.71
N ALA B 256 -28.94 12.93 -21.31
CA ALA B 256 -30.23 13.41 -20.90
C ALA B 256 -30.46 12.87 -19.49
N PRO B 257 -31.18 13.61 -18.64
CA PRO B 257 -31.37 13.24 -17.24
C PRO B 257 -32.17 11.92 -17.06
N VAL B 258 -31.75 11.08 -16.11
CA VAL B 258 -32.48 9.84 -15.81
C VAL B 258 -33.90 10.13 -15.36
N TYR B 259 -34.12 11.16 -14.52
CA TYR B 259 -35.45 11.40 -14.02
C TYR B 259 -36.52 11.58 -15.10
N SER B 260 -36.16 12.04 -16.29
CA SER B 260 -37.11 12.37 -17.38
C SER B 260 -36.96 11.33 -18.50
N TYR B 261 -36.24 10.23 -18.26
CA TYR B 261 -36.08 9.17 -19.27
C TYR B 261 -37.48 8.56 -19.56
N PRO B 262 -37.99 8.60 -20.82
CA PRO B 262 -39.37 8.08 -20.95
C PRO B 262 -39.54 6.56 -20.72
N GLY B 263 -38.50 5.79 -21.01
CA GLY B 263 -38.63 4.33 -21.00
C GLY B 263 -39.67 3.84 -22.03
N LYS B 264 -39.65 4.42 -23.22
CA LYS B 264 -40.62 4.02 -24.25
C LYS B 264 -40.46 2.55 -24.60
N GLY B 265 -41.58 1.84 -24.52
CA GLY B 265 -41.63 0.43 -24.87
C GLY B 265 -41.35 -0.54 -23.74
N CYS B 266 -41.05 -0.04 -22.54
CA CYS B 266 -40.80 -0.91 -21.41
C CYS B 266 -42.11 -1.47 -20.88
N PRO B 267 -42.17 -2.78 -20.57
CA PRO B 267 -43.27 -3.44 -19.86
C PRO B 267 -43.94 -2.68 -18.73
N1 IMD C . -2.10 -3.35 -30.92
C2 IMD C . -1.68 -3.19 -29.63
N3 IMD C . -2.37 -2.16 -29.07
C4 IMD C . -3.22 -1.66 -30.02
C5 IMD C . -3.04 -2.41 -31.18
C1 PEG D . 17.74 0.23 -0.40
O1 PEG D . 17.45 0.42 -1.78
C2 PEG D . 16.60 0.73 0.46
O2 PEG D . 16.75 0.18 1.77
C3 PEG D . 16.74 1.09 2.90
C4 PEG D . 18.13 1.69 3.02
O4 PEG D . 19.09 0.75 3.52
O1 MES E . 25.99 2.94 2.96
C2 MES E . 25.41 2.14 1.97
C3 MES E . 24.20 1.40 2.42
N4 MES E . 23.32 2.14 3.34
C5 MES E . 23.73 3.54 3.55
C6 MES E . 25.16 3.76 3.76
C7 MES E . 21.87 1.98 2.93
C8 MES E . 20.98 3.22 3.21
S MES E . 20.64 4.07 1.82
O1S MES E . 19.76 3.26 0.95
O2S MES E . 21.87 4.35 1.04
O3S MES E . 20.01 5.37 2.20
N1 IMD F . -34.13 10.76 -22.39
C2 IMD F . -33.58 10.68 -21.15
N3 IMD F . -34.09 11.68 -20.41
C4 IMD F . -34.99 12.37 -21.18
C5 IMD F . -35.00 11.79 -22.44
C1 PEG G . -15.86 14.50 3.06
O1 PEG G . -17.15 13.84 2.98
C2 PEG G . -15.17 14.42 4.44
O2 PEG G . -14.13 13.41 4.63
C3 PEG G . -12.81 13.94 4.39
C4 PEG G . -11.76 12.86 4.21
O4 PEG G . -10.84 13.11 3.12
C1 PEG H . -43.58 7.82 -23.90
O1 PEG H . -43.31 6.45 -23.57
C2 PEG H . -43.05 8.08 -25.32
O2 PEG H . -41.74 8.70 -25.29
C3 PEG H . -41.82 10.05 -24.86
C4 PEG H . -40.72 10.86 -25.53
O4 PEG H . -40.34 11.91 -24.64
C1 GOL I . -13.77 12.70 9.07
O1 GOL I . -12.32 12.76 9.41
C2 GOL I . -14.56 14.06 9.18
O2 GOL I . -15.47 14.10 10.30
C3 GOL I . -15.39 14.48 7.97
O3 GOL I . -14.60 14.07 6.87
C1 GOL J . -16.91 -0.85 -15.74
O1 GOL J . -18.30 -0.47 -15.75
C2 GOL J . -16.07 -0.27 -16.86
O2 GOL J . -14.79 -0.82 -16.66
C3 GOL J . -16.09 1.27 -16.81
O3 GOL J . -14.79 1.89 -16.75
O POL K . -41.78 9.26 -16.10
C1 POL K . -41.90 10.69 -16.34
C2 POL K . -41.40 11.19 -17.71
C3 POL K . -40.43 10.23 -18.32
O POL L . -46.10 -3.21 -16.32
C1 POL L . -46.47 -2.00 -15.68
C2 POL L . -47.12 -1.02 -16.68
C3 POL L . -46.14 -0.23 -17.51
O POL M . -2.39 -1.20 29.65
C1 POL M . -1.04 -0.78 29.99
C2 POL M . -0.02 -1.11 28.90
C3 POL M . 1.30 -0.42 29.14
O POL N . -15.33 15.84 12.35
C1 POL N . -14.77 14.67 12.97
C2 POL N . -13.32 14.35 12.57
C3 POL N . -12.75 15.23 11.55
O1 MES O . -6.40 16.29 11.77
C2 MES O . -7.09 15.43 10.91
C3 MES O . -8.31 14.85 11.55
N4 MES O . -9.28 15.83 12.05
C5 MES O . -8.61 16.88 12.86
C6 MES O . -7.14 17.17 12.60
C7 MES O . -10.04 16.42 10.88
C8 MES O . -11.06 17.54 11.20
S MES O . -10.75 18.93 10.36
O1S MES O . -11.93 19.80 10.57
O2S MES O . -10.59 18.59 8.94
O3S MES O . -9.49 19.61 10.80
#